data_5CSF
#
_entry.id   5CSF
#
_cell.length_a   38.300
_cell.length_b   39.240
_cell.length_c   172.820
_cell.angle_alpha   90.00
_cell.angle_beta   90.00
_cell.angle_gamma   90.00
#
_symmetry.space_group_name_H-M   'P 21 21 21'
#
loop_
_entity.id
_entity.type
_entity.pdbx_description
1 polymer 'Protein S100-B'
2 polymer 'Ribosomal protein S6 kinase alpha-1'
3 non-polymer 'CALCIUM ION'
4 water water
#
loop_
_entity_poly.entity_id
_entity_poly.type
_entity_poly.pdbx_seq_one_letter_code
_entity_poly.pdbx_strand_id
1 'polypeptide(L)'
;GSHMSELEKAMVALIDVFHQYSGREGDKHKLKKSELKELINNELSHFLEEIKEQEVVDKVMETLDNDGDGECDFQEFMAF
VAMVTTACHEFFEHE
;
A,B
2 'polypeptide(L)' GSQSQLSHQDLQLVKGAMAATYSALNSSKPTPQLKPIESSILAQRRVRKLPSTTL C
#
# COMPACT_ATOMS: atom_id res chain seq x y z
N GLY A 1 13.23 13.26 -6.81
CA GLY A 1 14.53 13.76 -6.37
C GLY A 1 15.48 12.68 -5.85
N SER A 2 16.60 13.14 -5.30
CA SER A 2 17.60 12.25 -4.74
C SER A 2 17.37 11.83 -3.28
N HIS A 3 16.64 12.62 -2.50
CA HIS A 3 16.25 12.21 -1.14
C HIS A 3 15.19 11.15 -1.31
N MET A 4 15.13 10.23 -0.36
CA MET A 4 14.00 9.32 -0.23
C MET A 4 12.71 10.14 -0.19
N SER A 5 11.77 9.78 -1.07
CA SER A 5 10.54 10.55 -1.15
C SER A 5 9.66 10.17 -0.01
N GLU A 6 8.60 10.96 0.24
CA GLU A 6 7.65 10.54 1.26
C GLU A 6 7.05 9.17 0.91
N LEU A 7 6.71 8.96 -0.36
CA LEU A 7 6.21 7.68 -0.86
C LEU A 7 7.17 6.54 -0.59
N GLU A 8 8.45 6.75 -0.87
CA GLU A 8 9.38 5.65 -0.72
C GLU A 8 9.58 5.31 0.74
N LYS A 9 9.49 6.32 1.60
CA LYS A 9 9.64 6.07 3.04
C LYS A 9 8.35 5.47 3.61
N ALA A 10 7.20 5.74 2.98
CA ALA A 10 5.96 5.07 3.40
C ALA A 10 6.06 3.59 3.14
N MET A 11 6.50 3.22 1.95
CA MET A 11 6.64 1.82 1.59
C MET A 11 7.56 1.07 2.57
N VAL A 12 8.70 1.68 2.86
CA VAL A 12 9.64 1.12 3.84
C VAL A 12 8.99 0.91 5.21
N ALA A 13 8.16 1.86 5.61
CA ALA A 13 7.55 1.79 6.92
C ALA A 13 6.57 0.62 6.93
N LEU A 14 5.94 0.37 5.79
CA LEU A 14 5.04 -0.78 5.67
C LEU A 14 5.81 -2.07 5.88
N ILE A 15 6.97 -2.17 5.25
CA ILE A 15 7.84 -3.31 5.42
C ILE A 15 8.29 -3.43 6.87
N ASP A 16 8.64 -2.32 7.52
CA ASP A 16 9.17 -2.40 8.88
C ASP A 16 8.11 -2.84 9.88
N VAL A 17 6.89 -2.29 9.79
CA VAL A 17 5.84 -2.65 10.73
C VAL A 17 5.40 -4.11 10.58
N PHE A 18 5.44 -4.62 9.35
CA PHE A 18 5.10 -6.01 9.10
C PHE A 18 6.12 -6.94 9.75
N HIS A 19 7.38 -6.66 9.47
CA HIS A 19 8.49 -7.45 9.95
C HIS A 19 8.62 -7.31 11.48
N GLN A 20 8.23 -6.15 12.00
CA GLN A 20 8.17 -5.87 13.44
C GLN A 20 7.26 -6.82 14.22
N TYR A 21 6.19 -7.25 13.54
CA TYR A 21 5.15 -8.07 14.12
C TYR A 21 5.18 -9.50 13.65
N SER A 22 5.58 -9.71 12.41
CA SER A 22 5.65 -11.07 11.88
C SER A 22 6.78 -11.84 12.56
N GLY A 23 7.74 -11.14 13.13
CA GLY A 23 8.88 -11.81 13.73
C GLY A 23 8.63 -12.35 15.13
N ARG A 24 7.45 -12.10 15.68
CA ARG A 24 7.15 -12.38 17.09
C ARG A 24 6.97 -13.85 17.46
N GLU A 25 5.97 -14.51 16.88
CA GLU A 25 5.70 -15.90 17.22
C GLU A 25 5.78 -16.70 15.93
N GLY A 26 6.36 -17.90 16.02
CA GLY A 26 6.42 -18.79 14.88
C GLY A 26 7.19 -18.27 13.67
N ASP A 27 6.57 -18.41 12.50
CA ASP A 27 7.12 -17.99 11.23
C ASP A 27 7.40 -16.49 11.22
N LYS A 28 8.66 -16.10 11.03
CA LYS A 28 9.06 -14.69 11.12
C LYS A 28 8.64 -13.90 9.89
N HIS A 29 8.13 -14.61 8.89
CA HIS A 29 7.75 -13.99 7.63
C HIS A 29 6.24 -13.97 7.42
N LYS A 30 5.48 -14.39 8.44
CA LYS A 30 4.01 -14.38 8.38
C LYS A 30 3.43 -13.90 9.71
N LEU A 31 2.20 -13.39 9.66
CA LEU A 31 1.45 -12.98 10.83
C LEU A 31 0.42 -14.04 11.18
N LYS A 32 0.61 -14.72 12.30
CA LYS A 32 -0.44 -15.58 12.87
C LYS A 32 -1.54 -14.64 13.34
N LYS A 33 -2.71 -15.19 13.66
CA LYS A 33 -3.84 -14.35 14.06
C LYS A 33 -3.43 -13.47 15.25
N SER A 34 -2.63 -14.06 16.14
CA SER A 34 -2.04 -13.38 17.29
C SER A 34 -1.34 -12.06 16.95
N GLU A 35 -0.44 -12.12 15.98
CA GLU A 35 0.36 -10.96 15.62
C GLU A 35 -0.42 -9.91 14.84
N LEU A 36 -1.32 -10.35 13.98
CA LEU A 36 -2.17 -9.43 13.25
C LEU A 36 -2.98 -8.54 14.19
N LYS A 37 -3.55 -9.16 15.22
CA LYS A 37 -4.36 -8.47 16.23
C LYS A 37 -3.60 -7.35 16.94
N GLU A 38 -2.38 -7.66 17.35
CA GLU A 38 -1.53 -6.68 18.02
C GLU A 38 -1.23 -5.52 17.07
N LEU A 39 -0.92 -5.85 15.82
CA LEU A 39 -0.66 -4.85 14.81
C LEU A 39 -1.83 -3.87 14.73
N ILE A 40 -3.02 -4.41 14.47
CA ILE A 40 -4.23 -3.60 14.40
C ILE A 40 -4.51 -2.77 15.65
N ASN A 41 -4.43 -3.39 16.80
CA ASN A 41 -4.78 -2.70 18.02
C ASN A 41 -3.77 -1.65 18.39
N ASN A 42 -2.51 -1.90 18.04
CA ASN A 42 -1.43 -0.97 18.36
C ASN A 42 -1.05 0.06 17.30
N GLU A 43 -1.18 -0.29 16.02
CA GLU A 43 -0.66 0.59 14.99
C GLU A 43 -1.76 1.22 14.17
N LEU A 44 -2.98 0.71 14.29
CA LEU A 44 -4.12 1.28 13.57
C LEU A 44 -5.19 1.78 14.53
N SER A 45 -4.75 2.21 15.69
CA SER A 45 -5.66 2.61 16.78
C SER A 45 -6.37 3.95 16.54
N HIS A 46 -6.15 4.57 15.39
CA HIS A 46 -6.86 5.81 15.03
C HIS A 46 -7.76 5.58 13.83
N PHE A 47 -7.52 4.50 13.11
CA PHE A 47 -8.33 4.26 11.91
C PHE A 47 -9.33 3.17 12.15
N LEU A 48 -8.93 2.15 12.90
CA LEU A 48 -9.81 1.01 13.15
C LEU A 48 -10.11 0.82 14.62
N GLU A 49 -11.35 0.40 14.90
CA GLU A 49 -11.75 0.14 16.27
C GLU A 49 -10.96 -1.03 16.81
N GLU A 50 -10.49 -0.90 18.05
CA GLU A 50 -9.70 -1.94 18.72
C GLU A 50 -10.41 -3.29 18.67
N ILE A 51 -9.63 -4.35 18.50
CA ILE A 51 -10.17 -5.71 18.54
C ILE A 51 -9.95 -6.34 19.90
N LYS A 52 -11.04 -6.80 20.50
CA LYS A 52 -11.00 -7.44 21.81
C LYS A 52 -11.81 -8.72 21.82
N GLU A 53 -12.56 -8.93 20.75
CA GLU A 53 -13.31 -10.18 20.54
C GLU A 53 -12.56 -11.13 19.58
N GLN A 54 -12.45 -12.40 19.94
CA GLN A 54 -11.72 -13.35 19.10
C GLN A 54 -12.40 -13.62 17.76
N GLU A 55 -13.73 -13.58 17.73
CA GLU A 55 -14.45 -13.81 16.48
C GLU A 55 -14.03 -12.81 15.40
N VAL A 56 -13.83 -11.55 15.79
CA VAL A 56 -13.39 -10.53 14.86
C VAL A 56 -12.05 -10.81 14.18
N VAL A 57 -11.01 -11.15 14.95
CA VAL A 57 -9.67 -11.37 14.38
C VAL A 57 -9.65 -12.60 13.48
N ASP A 58 -10.47 -13.59 13.84
CA ASP A 58 -10.67 -14.79 13.04
C ASP A 58 -11.25 -14.44 11.67
N LYS A 59 -12.25 -13.56 11.65
CA LYS A 59 -12.98 -13.22 10.44
C LYS A 59 -12.10 -12.34 9.55
N VAL A 60 -11.37 -11.43 10.18
CA VAL A 60 -10.42 -10.57 9.47
C VAL A 60 -9.36 -11.45 8.81
N MET A 61 -8.81 -12.40 9.57
CA MET A 61 -7.81 -13.31 9.02
C MET A 61 -8.41 -14.14 7.88
N GLU A 62 -9.66 -14.55 8.04
CA GLU A 62 -10.36 -15.33 7.00
C GLU A 62 -10.45 -14.53 5.69
N THR A 63 -10.79 -13.26 5.80
CA THR A 63 -10.90 -12.43 4.60
C THR A 63 -9.52 -12.10 4.00
N LEU A 64 -8.50 -11.94 4.83
CA LEU A 64 -7.16 -11.57 4.36
C LEU A 64 -6.42 -12.75 3.74
N ASP A 65 -6.72 -13.95 4.23
CA ASP A 65 -6.00 -15.15 3.81
C ASP A 65 -6.49 -15.79 2.52
N ASN A 66 -5.70 -15.61 1.46
CA ASN A 66 -6.07 -16.11 0.14
C ASN A 66 -5.30 -17.35 -0.32
N ASP A 67 -4.13 -17.60 0.27
CA ASP A 67 -3.35 -18.78 -0.09
C ASP A 67 -3.71 -19.93 0.88
N GLY A 68 -4.53 -19.63 1.88
CA GLY A 68 -5.07 -20.64 2.79
C GLY A 68 -4.16 -21.40 3.73
N ASP A 69 -3.31 -20.69 4.45
CA ASP A 69 -2.42 -21.30 5.44
C ASP A 69 -2.73 -20.81 6.85
N GLY A 70 -3.77 -19.99 6.98
CA GLY A 70 -4.24 -19.52 8.27
C GLY A 70 -3.44 -18.39 8.89
N GLU A 71 -2.61 -17.77 8.07
CA GLU A 71 -1.75 -16.68 8.48
C GLU A 71 -1.69 -15.66 7.35
N CYS A 72 -1.20 -14.47 7.66
CA CYS A 72 -1.11 -13.38 6.69
C CYS A 72 0.33 -13.15 6.24
N ASP A 73 0.68 -13.46 4.98
CA ASP A 73 2.04 -13.17 4.52
C ASP A 73 2.09 -11.69 4.07
N PHE A 74 3.24 -11.23 3.59
CA PHE A 74 3.36 -9.79 3.30
C PHE A 74 2.43 -9.35 2.17
N GLN A 75 2.34 -10.17 1.13
CA GLN A 75 1.50 -9.86 -0.01
C GLN A 75 0.05 -9.65 0.46
N GLU A 76 -0.41 -10.54 1.31
CA GLU A 76 -1.76 -10.46 1.87
C GLU A 76 -1.96 -9.26 2.80
N PHE A 77 -0.90 -8.90 3.54
CA PHE A 77 -0.91 -7.71 4.38
C PHE A 77 -0.99 -6.41 3.51
N MET A 78 -0.31 -6.39 2.37
CA MET A 78 -0.40 -5.21 1.49
C MET A 78 -1.83 -5.05 0.98
N ALA A 79 -2.48 -6.17 0.69
CA ALA A 79 -3.89 -6.12 0.33
C ALA A 79 -4.72 -5.50 1.44
N PHE A 80 -4.46 -5.90 2.68
CA PHE A 80 -5.16 -5.35 3.84
C PHE A 80 -4.97 -3.84 3.95
N VAL A 81 -3.73 -3.41 3.87
CA VAL A 81 -3.35 -2.00 3.87
C VAL A 81 -4.05 -1.24 2.75
N ALA A 82 -4.10 -1.84 1.55
CA ALA A 82 -4.81 -1.23 0.43
C ALA A 82 -6.27 -0.96 0.78
N MET A 83 -6.91 -1.92 1.42
CA MET A 83 -8.32 -1.80 1.74
C MET A 83 -8.59 -0.68 2.73
N VAL A 84 -7.84 -0.71 3.84
CA VAL A 84 -7.97 0.29 4.90
C VAL A 84 -7.70 1.69 4.40
N THR A 85 -6.62 1.82 3.63
CA THR A 85 -6.21 3.13 3.09
C THR A 85 -7.34 3.64 2.20
N THR A 86 -7.89 2.75 1.38
CA THR A 86 -8.99 3.12 0.50
C THR A 86 -10.16 3.70 1.32
N ALA A 87 -10.50 3.05 2.43
CA ALA A 87 -11.59 3.50 3.31
C ALA A 87 -11.36 4.90 3.90
N CYS A 88 -10.13 5.16 4.33
CA CYS A 88 -9.74 6.47 4.88
C CYS A 88 -9.77 7.57 3.80
N HIS A 89 -9.51 7.16 2.56
CA HIS A 89 -9.51 8.04 1.39
C HIS A 89 -10.91 8.57 1.15
N GLU A 90 -11.92 7.70 1.16
CA GLU A 90 -13.30 8.14 0.90
C GLU A 90 -13.78 9.22 1.90
N PHE A 91 -13.01 9.49 2.95
CA PHE A 91 -13.10 10.76 3.68
C PHE A 91 -12.55 11.90 2.77
N PHE A 92 -13.13 12.05 1.58
CA PHE A 92 -12.75 13.06 0.56
C PHE A 92 -11.24 13.18 0.38
N HIS B 3 -1.08 11.51 18.52
CA HIS B 3 0.05 10.57 18.58
C HIS B 3 -0.15 9.42 17.59
N MET B 4 -0.18 9.76 16.29
CA MET B 4 -0.43 8.79 15.22
C MET B 4 0.76 7.89 14.90
N SER B 5 0.49 6.63 14.57
CA SER B 5 1.56 5.65 14.37
C SER B 5 2.25 5.79 13.01
N GLU B 6 3.40 5.15 12.89
CA GLU B 6 4.17 5.14 11.65
C GLU B 6 3.36 4.51 10.53
N LEU B 7 2.68 3.42 10.83
CA LEU B 7 1.86 2.74 9.81
C LEU B 7 0.77 3.68 9.32
N GLU B 8 0.14 4.39 10.24
CA GLU B 8 -0.93 5.30 9.88
C GLU B 8 -0.38 6.51 9.09
N LYS B 9 0.80 7.01 9.46
CA LYS B 9 1.40 8.11 8.72
C LYS B 9 1.71 7.69 7.29
N ALA B 10 2.21 6.47 7.15
CA ALA B 10 2.55 5.89 5.86
C ALA B 10 1.29 5.80 4.98
N MET B 11 0.18 5.37 5.55
CA MET B 11 -1.04 5.30 4.79
C MET B 11 -1.47 6.67 4.31
N VAL B 12 -1.30 7.65 5.19
CA VAL B 12 -1.69 9.00 4.84
C VAL B 12 -0.75 9.55 3.78
N ALA B 13 0.51 9.17 3.81
CA ALA B 13 1.43 9.69 2.79
C ALA B 13 1.03 9.08 1.45
N LEU B 14 0.44 7.89 1.47
CA LEU B 14 0.02 7.27 0.24
C LEU B 14 -1.13 8.03 -0.38
N ILE B 15 -2.04 8.51 0.46
CA ILE B 15 -3.17 9.30 -0.01
C ILE B 15 -2.66 10.62 -0.54
N ASP B 16 -1.70 11.22 0.18
CA ASP B 16 -1.20 12.55 -0.18
C ASP B 16 -0.48 12.55 -1.50
N VAL B 17 0.37 11.56 -1.75
CA VAL B 17 1.13 11.61 -2.98
C VAL B 17 0.22 11.37 -4.16
N PHE B 18 -0.79 10.51 -3.99
CA PHE B 18 -1.74 10.34 -5.08
C PHE B 18 -2.46 11.65 -5.41
N HIS B 19 -2.94 12.32 -4.38
CA HIS B 19 -3.64 13.60 -4.54
C HIS B 19 -2.71 14.66 -5.19
N GLN B 20 -1.42 14.64 -4.84
CA GLN B 20 -0.48 15.64 -5.40
C GLN B 20 -0.38 15.47 -6.89
N TYR B 21 -0.22 14.24 -7.35
CA TYR B 21 -0.01 14.06 -8.77
C TYR B 21 -1.27 13.99 -9.61
N SER B 22 -2.32 13.39 -9.06
CA SER B 22 -3.56 13.24 -9.79
C SER B 22 -4.15 14.62 -10.04
N GLY B 23 -3.86 15.58 -9.15
CA GLY B 23 -4.46 16.91 -9.23
C GLY B 23 -3.84 17.86 -10.26
N ARG B 24 -2.75 17.44 -10.89
CA ARG B 24 -1.98 18.36 -11.74
C ARG B 24 -2.70 18.70 -13.03
N GLU B 25 -3.15 17.65 -13.73
CA GLU B 25 -3.79 17.75 -15.04
C GLU B 25 -5.13 17.01 -15.10
N GLY B 26 -5.99 17.48 -15.97
CA GLY B 26 -7.21 16.80 -16.34
C GLY B 26 -8.06 16.51 -15.13
N ASP B 27 -8.58 15.29 -15.10
CA ASP B 27 -9.32 14.76 -13.97
C ASP B 27 -8.45 14.84 -12.70
N LYS B 28 -8.84 15.66 -11.74
CA LYS B 28 -8.03 15.87 -10.54
C LYS B 28 -8.01 14.68 -9.58
N HIS B 29 -8.86 13.70 -9.85
CA HIS B 29 -8.94 12.53 -9.01
C HIS B 29 -8.31 11.30 -9.65
N LYS B 30 -7.70 11.47 -10.84
CA LYS B 30 -7.08 10.31 -11.51
C LYS B 30 -5.71 10.64 -12.06
N LEU B 31 -4.87 9.61 -12.19
CA LEU B 31 -3.58 9.74 -12.85
C LEU B 31 -3.71 9.38 -14.32
N LYS B 32 -3.44 10.34 -15.19
CA LYS B 32 -3.31 10.07 -16.62
C LYS B 32 -1.86 9.63 -16.79
N LYS B 33 -1.50 9.18 -17.99
CA LYS B 33 -0.16 8.66 -18.27
C LYS B 33 0.96 9.62 -17.84
N SER B 34 0.83 10.88 -18.20
CA SER B 34 1.86 11.86 -17.93
C SER B 34 2.09 12.11 -16.43
N GLU B 35 1.00 12.14 -15.68
CA GLU B 35 1.08 12.26 -14.24
C GLU B 35 1.71 11.05 -13.57
N LEU B 36 1.46 9.88 -14.15
CA LEU B 36 1.94 8.60 -13.58
C LEU B 36 3.46 8.52 -13.79
N LYS B 37 3.90 8.96 -14.95
CA LYS B 37 5.30 8.93 -15.30
C LYS B 37 6.09 9.85 -14.38
N GLU B 38 5.54 11.03 -14.13
CA GLU B 38 6.19 12.02 -13.30
C GLU B 38 6.25 11.49 -11.88
N LEU B 39 5.16 10.84 -11.45
CA LEU B 39 5.07 10.25 -10.12
C LEU B 39 6.19 9.25 -9.93
N ILE B 40 6.40 8.41 -10.94
CA ILE B 40 7.39 7.33 -10.83
C ILE B 40 8.79 7.88 -10.82
N ASN B 41 9.04 8.84 -11.72
CA ASN B 41 10.36 9.43 -11.87
C ASN B 41 10.77 10.37 -10.75
N ASN B 42 9.79 11.06 -10.16
CA ASN B 42 10.06 12.00 -9.09
C ASN B 42 10.03 11.36 -7.73
N GLU B 43 9.16 10.35 -7.56
CA GLU B 43 8.89 9.85 -6.20
C GLU B 43 9.30 8.39 -5.99
N LEU B 44 9.70 7.69 -7.03
CA LEU B 44 10.10 6.29 -6.92
C LEU B 44 11.46 6.08 -7.54
N SER B 45 12.28 7.12 -7.56
CA SER B 45 13.55 7.08 -8.31
C SER B 45 14.55 6.07 -7.75
N HIS B 46 14.36 5.67 -6.49
CA HIS B 46 15.22 4.65 -5.84
C HIS B 46 14.70 3.22 -5.94
N PHE B 47 13.46 3.03 -6.38
CA PHE B 47 12.90 1.68 -6.47
C PHE B 47 12.69 1.28 -7.94
N LEU B 48 12.23 2.21 -8.78
CA LEU B 48 12.06 1.91 -10.20
C LEU B 48 13.04 2.63 -11.12
N GLU B 49 13.46 1.92 -12.17
CA GLU B 49 14.30 2.54 -13.16
C GLU B 49 13.49 3.67 -13.79
N GLU B 50 14.15 4.77 -14.12
CA GLU B 50 13.47 5.92 -14.70
C GLU B 50 12.69 5.53 -15.95
N ILE B 51 11.54 6.16 -16.15
CA ILE B 51 10.81 5.96 -17.40
C ILE B 51 11.13 7.01 -18.46
N LYS B 52 11.65 6.54 -19.58
CA LYS B 52 12.06 7.42 -20.67
C LYS B 52 11.25 7.21 -21.95
N GLU B 53 10.63 6.03 -22.11
CA GLU B 53 9.93 5.73 -23.36
C GLU B 53 8.43 5.69 -23.18
N GLN B 54 7.73 6.23 -24.18
CA GLN B 54 6.27 6.24 -24.16
C GLN B 54 5.80 4.80 -24.06
N GLU B 55 6.52 3.90 -24.73
CA GLU B 55 6.17 2.48 -24.72
C GLU B 55 6.09 1.99 -23.29
N VAL B 56 6.98 2.48 -22.44
CA VAL B 56 7.03 2.05 -21.04
C VAL B 56 5.85 2.60 -20.23
N VAL B 57 5.55 3.89 -20.40
CA VAL B 57 4.38 4.50 -19.77
C VAL B 57 3.13 3.73 -20.15
N ASP B 58 3.01 3.46 -21.44
CA ASP B 58 1.88 2.73 -22.00
C ASP B 58 1.71 1.38 -21.34
N LYS B 59 2.80 0.63 -21.23
CA LYS B 59 2.73 -0.71 -20.68
C LYS B 59 2.32 -0.67 -19.22
N VAL B 60 2.89 0.27 -18.45
CA VAL B 60 2.59 0.36 -17.03
C VAL B 60 1.12 0.71 -16.75
N MET B 61 0.63 1.76 -17.39
CA MET B 61 -0.77 2.16 -17.24
C MET B 61 -1.76 1.06 -17.60
N GLU B 62 -1.48 0.37 -18.70
CA GLU B 62 -2.34 -0.73 -19.12
C GLU B 62 -2.44 -1.81 -18.03
N THR B 63 -1.31 -2.15 -17.39
CA THR B 63 -1.31 -3.14 -16.32
C THR B 63 -2.16 -2.64 -15.14
N LEU B 64 -2.08 -1.35 -14.83
CA LEU B 64 -2.74 -0.76 -13.66
C LEU B 64 -4.21 -0.45 -13.90
N ASP B 65 -4.57 -0.08 -15.12
CA ASP B 65 -5.94 0.29 -15.50
C ASP B 65 -6.85 -0.92 -15.59
N ASN B 66 -7.57 -1.22 -14.52
CA ASN B 66 -8.44 -2.38 -14.49
C ASN B 66 -9.90 -2.09 -14.83
N ASP B 67 -10.30 -0.81 -14.90
CA ASP B 67 -11.68 -0.51 -15.30
C ASP B 67 -11.75 0.04 -16.70
N GLY B 68 -10.62 0.06 -17.40
CA GLY B 68 -10.54 0.40 -18.82
C GLY B 68 -10.75 1.84 -19.24
N ASP B 69 -10.50 2.81 -18.37
CA ASP B 69 -10.77 4.22 -18.73
C ASP B 69 -9.51 4.95 -19.11
N GLY B 70 -8.38 4.24 -19.15
CA GLY B 70 -7.14 4.87 -19.59
C GLY B 70 -6.40 5.67 -18.50
N GLU B 71 -6.98 5.77 -17.31
CA GLU B 71 -6.36 6.49 -16.20
C GLU B 71 -6.20 5.61 -14.93
N CYS B 72 -5.48 6.09 -13.93
CA CYS B 72 -5.29 5.32 -12.70
C CYS B 72 -5.99 6.01 -11.52
N ASP B 73 -7.11 5.46 -11.05
CA ASP B 73 -7.77 6.08 -9.90
C ASP B 73 -7.02 5.64 -8.64
N PHE B 74 -7.57 5.94 -7.47
CA PHE B 74 -6.86 5.68 -6.25
C PHE B 74 -6.70 4.20 -5.98
N GLN B 75 -7.76 3.42 -6.20
CA GLN B 75 -7.72 1.99 -5.92
C GLN B 75 -6.69 1.32 -6.80
N GLU B 76 -6.65 1.72 -8.06
CA GLU B 76 -5.66 1.19 -8.99
C GLU B 76 -4.24 1.62 -8.60
N PHE B 77 -4.12 2.78 -7.97
CA PHE B 77 -2.82 3.23 -7.49
C PHE B 77 -2.38 2.41 -6.28
N MET B 78 -3.30 2.10 -5.36
CA MET B 78 -2.98 1.25 -4.22
C MET B 78 -2.51 -0.13 -4.65
N ALA B 79 -3.17 -0.70 -5.65
CA ALA B 79 -2.69 -1.96 -6.20
C ALA B 79 -1.24 -1.82 -6.70
N PHE B 80 -0.96 -0.67 -7.30
CA PHE B 80 0.39 -0.38 -7.80
C PHE B 80 1.38 -0.31 -6.65
N VAL B 81 1.02 0.43 -5.59
CA VAL B 81 1.87 0.55 -4.43
C VAL B 81 2.07 -0.83 -3.77
N ALA B 82 1.03 -1.66 -3.77
CA ALA B 82 1.15 -3.02 -3.21
C ALA B 82 2.17 -3.83 -3.99
N MET B 83 2.02 -3.88 -5.31
CA MET B 83 3.01 -4.47 -6.20
C MET B 83 4.43 -4.02 -5.88
N VAL B 84 4.69 -2.71 -5.90
CA VAL B 84 6.04 -2.19 -5.73
C VAL B 84 6.60 -2.59 -4.37
N THR B 85 5.84 -2.33 -3.29
CA THR B 85 6.28 -2.61 -1.93
C THR B 85 6.62 -4.09 -1.71
N THR B 86 5.79 -4.96 -2.31
CA THR B 86 5.99 -6.40 -2.20
C THR B 86 7.28 -6.89 -2.86
N ALA B 87 7.61 -6.36 -4.03
CA ALA B 87 8.86 -6.70 -4.71
C ALA B 87 10.10 -6.29 -3.91
N CYS B 88 10.03 -5.09 -3.34
CA CYS B 88 11.09 -4.52 -2.50
C CYS B 88 11.23 -5.34 -1.26
N HIS B 89 10.10 -5.83 -0.78
CA HIS B 89 10.03 -6.63 0.42
C HIS B 89 11.01 -7.79 0.30
N GLU B 90 11.27 -8.26 -0.93
CA GLU B 90 12.16 -9.40 -1.10
C GLU B 90 13.64 -9.04 -0.90
N PHE B 91 13.95 -7.74 -0.83
CA PHE B 91 15.31 -7.29 -0.52
C PHE B 91 15.31 -6.59 0.84
N PHE B 92 14.67 -7.20 1.83
CA PHE B 92 14.58 -6.63 3.17
C PHE B 92 14.80 -7.74 4.20
N ALA C 17 18.10 -1.84 -4.93
CA ALA C 17 18.32 -1.25 -6.24
C ALA C 17 18.75 -2.31 -7.27
N MET C 18 17.88 -2.65 -8.21
CA MET C 18 16.61 -1.98 -8.43
C MET C 18 15.57 -2.89 -9.12
N ALA C 19 14.55 -2.27 -9.73
CA ALA C 19 13.52 -2.98 -10.47
C ALA C 19 13.06 -2.20 -11.72
N ALA C 20 12.02 -2.70 -12.37
CA ALA C 20 11.41 -2.05 -13.53
C ALA C 20 10.05 -2.69 -13.81
N THR C 21 9.49 -2.41 -14.99
CA THR C 21 8.17 -2.94 -15.37
C THR C 21 8.04 -4.49 -15.35
N TYR C 22 7.58 -5.03 -14.23
CA TYR C 22 7.33 -6.48 -14.07
C TYR C 22 5.84 -6.77 -13.94
N SER C 23 5.21 -6.18 -12.91
CA SER C 23 3.75 -6.13 -12.82
C SER C 23 3.08 -7.50 -12.74
N ALA C 24 2.98 -8.04 -11.52
CA ALA C 24 2.23 -9.27 -11.26
C ALA C 24 0.83 -8.95 -10.71
N ARG C 45 -15.91 -4.73 8.17
CA ARG C 45 -14.97 -3.62 8.23
C ARG C 45 -14.99 -2.96 9.62
N ARG C 46 -14.81 -1.63 9.64
CA ARG C 46 -14.85 -0.84 10.88
C ARG C 46 -14.68 0.67 10.58
N VAL C 47 -13.43 1.13 10.56
CA VAL C 47 -13.04 2.55 10.57
C VAL C 47 -13.48 3.12 11.92
N ARG C 48 -13.61 4.45 12.02
CA ARG C 48 -13.94 5.09 13.29
C ARG C 48 -14.20 6.58 13.10
N LYS C 49 -14.72 7.22 14.15
CA LYS C 49 -14.85 8.67 14.17
C LYS C 49 -13.46 9.30 14.33
N LEU C 50 -12.91 9.81 13.23
CA LEU C 50 -11.51 10.25 13.20
C LEU C 50 -11.33 11.62 12.50
N PRO C 51 -10.09 12.16 12.49
CA PRO C 51 -9.82 13.32 11.63
C PRO C 51 -9.29 12.93 10.24
#